data_4YLK
#
_entry.id   4YLK
#
_cell.length_a   99.970
_cell.length_b   69.870
_cell.length_c   67.860
_cell.angle_alpha   90.00
_cell.angle_beta   117.69
_cell.angle_gamma   90.00
#
_symmetry.space_group_name_H-M   'C 1 2 1'
#
loop_
_entity.id
_entity.type
_entity.pdbx_description
1 polymer 'Dual specificity tyrosine-phosphorylation-regulated kinase 1A'
2 non-polymer 'SULFATE ION'
3 non-polymer 1,2-ETHANEDIOL
4 non-polymer '10-chloro-2-iodo-11H-indolo[3,2-c]quinoline-6-carboxylic acid'
5 non-polymer 'IODIDE ION'
6 water water
#
_entity_poly.entity_id   1
_entity_poly.type   'polypeptide(L)'
_entity_poly.pdbx_seq_one_letter_code
;SMSSHKKERKVYNDGYDDDNYDYIVKNGEKWMDRYEIDSLIGKGSFGQVVKAYDRVEQEWVAIKIIKNKKAFLNQAQIEV
RLLELMNKHDTEMKYYIVHLKRHFMFRNHLCLVFEMLSYNLYDLLRNTNFRGVSLNLTRKFAQQMCTALLFLATPELSII
HCDLKPENILLCNPKRSAIKIVDFGSSCQLGQRIYQ(PTR)IQSRFYRSPEVLLGMPYDLAIDMWSLGCILVEMHTGEPL
FSGANEVDQMNKIVEVLGIPPAHILDQAPKARKFFEKLPDGTWNLKKTKDGKREYKPPGTRKLHNILGVETGGPGGRRAG
ESGHTVADYLKFKDLILRMLDYDPKTRIQPYYALQHSFFKKTADE
;
_entity_poly.pdbx_strand_id   A
#
loop_
_chem_comp.id
_chem_comp.type
_chem_comp.name
_chem_comp.formula
4E2 non-polymer '10-chloro-2-iodo-11H-indolo[3,2-c]quinoline-6-carboxylic acid' 'C16 H8 Cl I N2 O2'
EDO non-polymer 1,2-ETHANEDIOL 'C2 H6 O2'
IOD non-polymer 'IODIDE ION' 'I -1'
SO4 non-polymer 'SULFATE ION' 'O4 S -2'
#
# COMPACT_ATOMS: atom_id res chain seq x y z
N LYS A 10 -0.22 -30.37 21.61
CA LYS A 10 -0.90 -31.67 21.27
C LYS A 10 -2.18 -31.39 20.44
N VAL A 11 -3.26 -30.97 21.11
CA VAL A 11 -4.52 -30.63 20.43
C VAL A 11 -4.70 -29.14 20.44
N TYR A 12 -5.04 -28.59 19.27
CA TYR A 12 -5.32 -27.18 19.13
C TYR A 12 -6.75 -27.02 18.59
N ASN A 13 -7.60 -26.30 19.33
CA ASN A 13 -8.98 -26.03 18.87
C ASN A 13 -9.71 -27.31 18.51
N ASP A 14 -9.69 -28.26 19.44
CA ASP A 14 -10.36 -29.56 19.25
C ASP A 14 -9.88 -30.29 17.99
N GLY A 15 -8.66 -30.01 17.55
CA GLY A 15 -8.06 -30.67 16.41
C GLY A 15 -8.24 -29.91 15.11
N TYR A 16 -8.94 -28.77 15.14
CA TYR A 16 -9.19 -28.00 13.89
C TYR A 16 -8.05 -27.04 13.51
N ASP A 17 -7.17 -26.73 14.47
CA ASP A 17 -6.11 -25.75 14.24
C ASP A 17 -4.71 -26.40 14.31
N ASP A 18 -3.75 -25.72 13.69
CA ASP A 18 -2.34 -26.06 13.83
C ASP A 18 -1.74 -25.30 15.02
N ASP A 19 -0.42 -25.44 15.22
CA ASP A 19 0.25 -24.72 16.30
C ASP A 19 0.60 -23.26 15.97
N ASN A 20 0.17 -22.77 14.79
CA ASN A 20 0.33 -21.35 14.40
C ASN A 20 -1.03 -20.54 14.54
N TYR A 21 -2.03 -21.13 15.20
CA TYR A 21 -3.39 -20.54 15.36
C TYR A 21 -4.22 -20.56 14.08
N ASP A 22 -3.73 -21.24 13.05
CA ASP A 22 -4.41 -21.29 11.77
C ASP A 22 -5.36 -22.50 11.68
N TYR A 23 -6.48 -22.32 10.99
CA TYR A 23 -7.35 -23.42 10.66
C TYR A 23 -6.64 -24.40 9.71
N ILE A 24 -6.74 -25.68 9.97
CA ILE A 24 -6.13 -26.66 9.06
C ILE A 24 -7.03 -26.85 7.84
N VAL A 25 -6.65 -26.22 6.73
CA VAL A 25 -7.47 -26.27 5.56
C VAL A 25 -7.56 -27.69 4.98
N LYS A 26 -8.79 -28.10 4.59
CA LYS A 26 -9.08 -29.40 3.96
C LYS A 26 -9.81 -29.18 2.65
N ASN A 27 -9.25 -29.69 1.54
CA ASN A 27 -9.85 -29.59 0.26
CA ASN A 27 -9.96 -29.66 0.21
C ASN A 27 -11.24 -30.32 0.27
N GLY A 28 -12.28 -29.65 -0.18
CA GLY A 28 -13.53 -30.27 -0.35
C GLY A 28 -14.47 -30.23 0.85
N GLU A 29 -14.00 -29.64 1.94
CA GLU A 29 -14.78 -29.51 3.17
C GLU A 29 -15.97 -28.59 2.94
N LYS A 30 -17.11 -28.92 3.53
CA LYS A 30 -18.28 -28.10 3.39
C LYS A 30 -18.49 -27.38 4.69
N TRP A 31 -18.83 -26.10 4.58
CA TRP A 31 -19.04 -25.27 5.75
C TRP A 31 -20.45 -24.76 5.74
N MET A 32 -21.18 -24.93 6.86
CA MET A 32 -22.46 -24.20 7.07
C MET A 32 -23.46 -24.47 5.97
N ASP A 33 -23.42 -25.66 5.38
CA ASP A 33 -24.31 -26.00 4.36
CA ASP A 33 -24.31 -26.06 4.28
C ASP A 33 -24.30 -24.98 3.20
N ARG A 34 -23.15 -24.41 2.94
CA ARG A 34 -23.06 -23.29 2.01
C ARG A 34 -21.74 -23.24 1.18
N TYR A 35 -20.59 -23.28 1.84
CA TYR A 35 -19.30 -23.09 1.14
C TYR A 35 -18.59 -24.40 0.99
N GLU A 36 -18.16 -24.71 -0.23
CA GLU A 36 -17.26 -25.86 -0.42
C GLU A 36 -15.83 -25.34 -0.62
N ILE A 37 -14.93 -25.63 0.32
CA ILE A 37 -13.58 -25.13 0.27
C ILE A 37 -12.80 -25.89 -0.82
N ASP A 38 -12.16 -25.13 -1.71
CA ASP A 38 -11.36 -25.74 -2.77
C ASP A 38 -9.90 -25.88 -2.42
N SER A 39 -9.25 -24.76 -2.15
CA SER A 39 -7.80 -24.77 -1.99
C SER A 39 -7.36 -23.51 -1.31
N LEU A 40 -6.17 -23.60 -0.72
CA LEU A 40 -5.48 -22.44 -0.16
C LEU A 40 -4.85 -21.63 -1.30
N ILE A 41 -5.14 -20.33 -1.31
CA ILE A 41 -4.60 -19.46 -2.36
C ILE A 41 -3.77 -18.31 -1.81
N GLY A 42 -3.61 -18.21 -0.50
CA GLY A 42 -2.74 -17.16 0.06
C GLY A 42 -2.68 -17.31 1.56
N LYS A 43 -1.69 -16.65 2.16
CA LYS A 43 -1.53 -16.65 3.58
C LYS A 43 -0.72 -15.43 3.97
N GLY A 44 -0.83 -15.07 5.24
CA GLY A 44 -0.06 -13.94 5.76
C GLY A 44 -0.15 -13.98 7.26
N SER A 45 0.30 -12.90 7.88
CA SER A 45 0.31 -12.83 9.33
CA SER A 45 0.34 -12.87 9.33
C SER A 45 -1.06 -13.01 9.97
N PHE A 46 -2.07 -12.56 9.27
CA PHE A 46 -3.44 -12.61 9.76
C PHE A 46 -4.04 -14.03 9.79
N GLY A 47 -3.49 -14.97 9.01
CA GLY A 47 -4.19 -16.24 8.72
C GLY A 47 -4.02 -16.65 7.25
N GLN A 48 -5.14 -17.07 6.66
CA GLN A 48 -5.11 -17.75 5.36
C GLN A 48 -6.18 -17.17 4.46
N VAL A 49 -6.01 -17.38 3.15
CA VAL A 49 -7.06 -17.05 2.17
C VAL A 49 -7.31 -18.32 1.36
N VAL A 50 -8.57 -18.75 1.36
CA VAL A 50 -8.98 -19.92 0.57
C VAL A 50 -9.94 -19.54 -0.55
N LYS A 51 -9.80 -20.25 -1.67
CA LYS A 51 -10.83 -20.25 -2.74
C LYS A 51 -11.93 -21.23 -2.32
N ALA A 52 -13.17 -20.76 -2.36
CA ALA A 52 -14.33 -21.59 -1.98
C ALA A 52 -15.49 -21.32 -2.93
N TYR A 53 -16.34 -22.31 -3.14
CA TYR A 53 -17.55 -22.08 -3.92
C TYR A 53 -18.70 -21.77 -2.97
N ASP A 54 -19.34 -20.62 -3.15
CA ASP A 54 -20.55 -20.23 -2.43
C ASP A 54 -21.74 -20.83 -3.18
N ARG A 55 -22.29 -21.92 -2.63
CA ARG A 55 -23.38 -22.65 -3.29
C ARG A 55 -24.70 -21.86 -3.29
N VAL A 56 -24.85 -20.92 -2.36
CA VAL A 56 -26.10 -20.14 -2.27
C VAL A 56 -26.14 -19.06 -3.35
N GLU A 57 -25.03 -18.34 -3.49
CA GLU A 57 -24.91 -17.32 -4.56
C GLU A 57 -24.37 -17.83 -5.89
N GLN A 58 -23.98 -19.12 -5.93
CA GLN A 58 -23.48 -19.73 -7.12
C GLN A 58 -22.32 -18.96 -7.72
N GLU A 59 -21.27 -18.80 -6.91
CA GLU A 59 -20.06 -18.10 -7.40
C GLU A 59 -18.89 -18.49 -6.56
N TRP A 60 -17.70 -18.36 -7.16
CA TRP A 60 -16.46 -18.46 -6.41
C TRP A 60 -16.24 -17.23 -5.54
N VAL A 61 -15.69 -17.47 -4.36
CA VAL A 61 -15.32 -16.43 -3.38
C VAL A 61 -13.96 -16.72 -2.78
N ALA A 62 -13.31 -15.67 -2.28
CA ALA A 62 -12.15 -15.79 -1.44
C ALA A 62 -12.56 -15.63 0.00
N ILE A 63 -12.18 -16.56 0.86
CA ILE A 63 -12.50 -16.43 2.28
C ILE A 63 -11.19 -16.23 3.05
N LYS A 64 -11.08 -15.09 3.72
CA LYS A 64 -9.93 -14.77 4.56
C LYS A 64 -10.24 -15.32 5.96
N ILE A 65 -9.54 -16.38 6.34
CA ILE A 65 -9.75 -17.10 7.60
C ILE A 65 -8.74 -16.60 8.60
N ILE A 66 -9.22 -15.79 9.52
CA ILE A 66 -8.35 -15.13 10.50
C ILE A 66 -7.91 -16.14 11.55
N LYS A 67 -6.67 -15.99 12.03
CA LYS A 67 -6.16 -16.81 13.12
C LYS A 67 -7.07 -16.78 14.35
N ASN A 68 -7.13 -17.92 15.05
CA ASN A 68 -7.88 -18.07 16.29
C ASN A 68 -6.99 -17.60 17.42
N LYS A 69 -6.92 -16.29 17.55
CA LYS A 69 -6.02 -15.67 18.52
CA LYS A 69 -6.02 -15.65 18.52
C LYS A 69 -6.51 -14.21 18.68
N LYS A 70 -6.71 -13.75 19.93
CA LYS A 70 -7.45 -12.51 20.16
C LYS A 70 -6.89 -11.30 19.41
N ALA A 71 -5.57 -11.14 19.41
CA ALA A 71 -5.02 -9.97 18.73
C ALA A 71 -5.36 -9.94 17.23
N PHE A 72 -5.29 -11.12 16.57
CA PHE A 72 -5.64 -11.21 15.17
C PHE A 72 -7.13 -11.06 14.93
N LEU A 73 -7.93 -11.68 15.75
CA LEU A 73 -9.38 -11.47 15.74
C LEU A 73 -9.74 -10.01 15.79
N ASN A 74 -9.18 -9.29 16.76
CA ASN A 74 -9.59 -7.89 16.91
C ASN A 74 -9.10 -7.00 15.78
N GLN A 75 -7.93 -7.25 15.27
CA GLN A 75 -7.45 -6.57 14.06
C GLN A 75 -8.45 -6.77 12.92
N ALA A 76 -8.95 -7.96 12.74
CA ALA A 76 -9.90 -8.24 11.66
C ALA A 76 -11.27 -7.62 11.96
N GLN A 77 -11.69 -7.53 13.20
CA GLN A 77 -12.94 -6.84 13.53
C GLN A 77 -12.86 -5.37 13.10
N ILE A 78 -11.75 -4.71 13.33
CA ILE A 78 -11.53 -3.35 12.83
C ILE A 78 -11.66 -3.33 11.33
N GLU A 79 -11.00 -4.28 10.68
CA GLU A 79 -11.06 -4.35 9.22
C GLU A 79 -12.52 -4.51 8.73
N VAL A 80 -13.30 -5.38 9.37
CA VAL A 80 -14.67 -5.59 8.97
C VAL A 80 -15.48 -4.31 9.08
N ARG A 81 -15.31 -3.59 10.17
CA ARG A 81 -16.07 -2.36 10.36
C ARG A 81 -15.74 -1.32 9.27
N LEU A 82 -14.46 -1.16 8.95
CA LEU A 82 -14.07 -0.20 7.90
C LEU A 82 -14.57 -0.64 6.52
N LEU A 83 -14.45 -1.93 6.22
CA LEU A 83 -14.93 -2.43 4.95
C LEU A 83 -16.46 -2.24 4.81
N GLU A 84 -17.20 -2.48 5.89
CA GLU A 84 -18.63 -2.30 5.86
C GLU A 84 -18.94 -0.83 5.63
N LEU A 85 -18.25 0.08 6.30
CA LEU A 85 -18.43 1.52 6.09
C LEU A 85 -18.15 1.90 4.62
N MET A 86 -17.04 1.43 4.07
CA MET A 86 -16.64 1.75 2.71
C MET A 86 -17.56 1.18 1.69
N ASN A 87 -17.81 -0.11 1.79
CA ASN A 87 -18.56 -0.80 0.75
C ASN A 87 -19.96 -0.19 0.65
N LYS A 88 -20.50 0.21 1.79
CA LYS A 88 -21.77 0.88 1.90
C LYS A 88 -21.91 2.16 1.04
N HIS A 89 -20.78 2.82 0.87
CA HIS A 89 -20.72 4.07 0.09
C HIS A 89 -20.11 3.88 -1.31
N ASP A 90 -20.04 2.64 -1.78
CA ASP A 90 -19.55 2.31 -3.11
C ASP A 90 -20.25 1.03 -3.53
N THR A 91 -21.56 1.10 -3.63
CA THR A 91 -22.35 -0.08 -3.94
C THR A 91 -22.14 -0.53 -5.39
N GLU A 92 -21.68 0.39 -6.26
CA GLU A 92 -21.32 0.05 -7.65
C GLU A 92 -19.87 -0.48 -7.80
N MET A 93 -19.10 -0.45 -6.69
N MET A 93 -19.11 -0.47 -6.69
CA MET A 93 -17.72 -0.95 -6.68
CA MET A 93 -17.72 -0.97 -6.67
C MET A 93 -16.84 -0.28 -7.72
C MET A 93 -16.84 -0.28 -7.72
N LYS A 94 -16.86 1.05 -7.73
CA LYS A 94 -16.12 1.83 -8.72
C LYS A 94 -14.90 2.57 -8.17
N TYR A 95 -14.62 2.44 -6.87
CA TYR A 95 -13.51 3.16 -6.25
C TYR A 95 -12.34 2.29 -5.80
N TYR A 96 -12.24 1.06 -6.31
CA TYR A 96 -10.98 0.30 -6.26
C TYR A 96 -10.65 -0.22 -4.86
N ILE A 97 -11.67 -0.43 -4.00
CA ILE A 97 -11.51 -1.03 -2.67
C ILE A 97 -12.12 -2.44 -2.74
N VAL A 98 -11.41 -3.42 -2.20
CA VAL A 98 -11.96 -4.79 -2.17
C VAL A 98 -13.36 -4.82 -1.56
N HIS A 99 -14.21 -5.69 -2.14
CA HIS A 99 -15.60 -5.85 -1.71
C HIS A 99 -15.75 -7.01 -0.74
N LEU A 100 -16.06 -6.66 0.51
CA LEU A 100 -16.48 -7.63 1.54
C LEU A 100 -17.95 -7.97 1.35
N LYS A 101 -18.21 -9.22 1.07
CA LYS A 101 -19.60 -9.68 0.84
C LYS A 101 -20.32 -9.93 2.16
N ARG A 102 -19.65 -10.61 3.10
CA ARG A 102 -20.23 -10.92 4.40
C ARG A 102 -19.14 -11.48 5.29
N HIS A 103 -19.45 -11.74 6.55
CA HIS A 103 -18.49 -12.36 7.45
C HIS A 103 -19.24 -13.29 8.39
N PHE A 104 -18.52 -14.19 9.01
CA PHE A 104 -19.08 -15.10 10.01
C PHE A 104 -17.99 -15.65 10.89
N MET A 105 -18.38 -16.23 12.01
CA MET A 105 -17.48 -16.97 12.88
C MET A 105 -17.68 -18.42 12.63
N PHE A 106 -16.61 -19.16 12.40
CA PHE A 106 -16.66 -20.60 12.10
C PHE A 106 -15.53 -21.32 12.82
N ARG A 107 -15.90 -22.23 13.71
CA ARG A 107 -14.92 -23.01 14.46
C ARG A 107 -13.84 -22.12 15.07
N ASN A 108 -14.29 -21.03 15.69
CA ASN A 108 -13.42 -20.11 16.42
C ASN A 108 -12.47 -19.29 15.54
N HIS A 109 -12.80 -19.19 14.25
CA HIS A 109 -12.12 -18.27 13.31
C HIS A 109 -13.08 -17.28 12.71
N LEU A 110 -12.78 -16.00 12.82
CA LEU A 110 -13.51 -15.01 12.05
C LEU A 110 -13.16 -15.19 10.56
N CYS A 111 -14.19 -15.20 9.72
CA CYS A 111 -14.03 -15.44 8.28
C CYS A 111 -14.64 -14.30 7.51
N LEU A 112 -13.86 -13.69 6.63
CA LEU A 112 -14.31 -12.56 5.79
C LEU A 112 -14.47 -13.09 4.38
N VAL A 113 -15.68 -12.97 3.82
CA VAL A 113 -15.93 -13.48 2.46
C VAL A 113 -15.82 -12.34 1.47
N PHE A 114 -14.92 -12.46 0.51
CA PHE A 114 -14.65 -11.42 -0.48
C PHE A 114 -14.90 -11.96 -1.88
N GLU A 115 -14.99 -11.04 -2.81
CA GLU A 115 -14.80 -11.35 -4.20
C GLU A 115 -13.43 -12.08 -4.43
N MET A 116 -13.33 -12.95 -5.41
CA MET A 116 -12.02 -13.49 -5.86
C MET A 116 -11.23 -12.41 -6.55
N LEU A 117 -9.92 -12.45 -6.25
CA LEU A 117 -8.94 -11.58 -6.90
C LEU A 117 -7.71 -12.44 -7.27
N SER A 118 -6.83 -11.84 -8.06
CA SER A 118 -5.55 -12.45 -8.47
C SER A 118 -4.45 -12.05 -7.44
N TYR A 119 -3.19 -12.09 -7.88
CA TYR A 119 -2.04 -11.79 -7.02
C TYR A 119 -1.72 -10.31 -6.96
N ASN A 120 -0.64 -9.96 -6.27
CA ASN A 120 -0.41 -8.55 -5.87
C ASN A 120 0.61 -7.90 -6.81
N LEU A 121 0.80 -6.61 -6.63
CA LEU A 121 1.68 -5.88 -7.55
C LEU A 121 3.15 -6.20 -7.34
N TYR A 122 3.55 -6.73 -6.18
CA TYR A 122 4.91 -7.27 -6.06
C TYR A 122 5.10 -8.56 -6.88
N ASP A 123 4.10 -9.43 -6.87
CA ASP A 123 4.10 -10.59 -7.77
C ASP A 123 4.15 -10.19 -9.25
N LEU A 124 3.46 -9.09 -9.60
CA LEU A 124 3.59 -8.54 -10.94
C LEU A 124 5.03 -8.09 -11.21
N LEU A 125 5.64 -7.35 -10.28
CA LEU A 125 7.05 -6.98 -10.48
C LEU A 125 7.97 -8.18 -10.64
N ARG A 126 7.77 -9.21 -9.84
CA ARG A 126 8.56 -10.47 -10.01
C ARG A 126 8.37 -11.02 -11.45
N ASN A 127 7.13 -10.91 -11.96
CA ASN A 127 6.78 -11.37 -13.31
CA ASN A 127 6.85 -11.41 -13.29
C ASN A 127 7.51 -10.60 -14.39
N THR A 128 7.86 -9.33 -14.09
CA THR A 128 8.73 -8.52 -14.98
C THR A 128 10.23 -8.79 -14.80
N ASN A 129 10.59 -9.76 -13.96
CA ASN A 129 11.99 -10.04 -13.61
C ASN A 129 12.59 -8.78 -12.92
N PHE A 130 11.73 -8.10 -12.16
CA PHE A 130 12.09 -6.87 -11.46
C PHE A 130 12.69 -5.78 -12.35
N ARG A 131 12.20 -5.70 -13.58
CA ARG A 131 12.57 -4.64 -14.50
C ARG A 131 11.54 -3.56 -14.63
N GLY A 132 10.35 -3.77 -14.05
CA GLY A 132 9.33 -2.75 -14.03
C GLY A 132 8.26 -2.93 -15.08
N VAL A 133 7.08 -2.41 -14.80
CA VAL A 133 6.03 -2.32 -15.83
C VAL A 133 6.17 -1.03 -16.63
N SER A 134 5.48 -0.96 -17.76
CA SER A 134 5.59 0.21 -18.62
C SER A 134 5.06 1.47 -17.97
N LEU A 135 5.47 2.62 -18.47
CA LEU A 135 4.90 3.87 -18.00
C LEU A 135 3.38 3.92 -18.21
N ASN A 136 2.88 3.33 -19.30
CA ASN A 136 1.43 3.34 -19.54
C ASN A 136 0.69 2.52 -18.47
N LEU A 137 1.24 1.38 -18.08
CA LEU A 137 0.59 0.56 -17.05
C LEU A 137 0.72 1.22 -15.68
N THR A 138 1.89 1.83 -15.41
CA THR A 138 2.08 2.56 -14.18
C THR A 138 1.00 3.68 -14.06
N ARG A 139 0.73 4.38 -15.16
CA ARG A 139 -0.31 5.43 -15.20
C ARG A 139 -1.69 4.88 -14.85
N LYS A 140 -2.03 3.70 -15.37
CA LYS A 140 -3.32 3.10 -15.08
C LYS A 140 -3.43 2.74 -13.60
N PHE A 141 -2.37 2.18 -13.00
CA PHE A 141 -2.34 1.92 -11.54
C PHE A 141 -2.45 3.21 -10.78
N ALA A 142 -1.75 4.25 -11.23
CA ALA A 142 -1.75 5.54 -10.52
C ALA A 142 -3.14 6.16 -10.51
N GLN A 143 -3.84 6.07 -11.64
CA GLN A 143 -5.15 6.72 -11.75
C GLN A 143 -6.13 6.02 -10.83
N GLN A 144 -6.09 4.69 -10.80
CA GLN A 144 -6.99 3.90 -9.91
C GLN A 144 -6.66 4.18 -8.46
N MET A 145 -5.37 4.19 -8.10
CA MET A 145 -5.01 4.44 -6.71
C MET A 145 -5.42 5.84 -6.26
N CYS A 146 -5.22 6.84 -7.09
CA CYS A 146 -5.62 8.21 -6.69
C CYS A 146 -7.15 8.32 -6.52
N THR A 147 -7.90 7.60 -7.36
CA THR A 147 -9.34 7.54 -7.22
C THR A 147 -9.77 6.86 -5.91
N ALA A 148 -9.08 5.81 -5.58
CA ALA A 148 -9.31 5.19 -4.24
C ALA A 148 -9.02 6.16 -3.11
N LEU A 149 -7.88 6.83 -3.16
CA LEU A 149 -7.52 7.78 -2.09
C LEU A 149 -8.53 8.95 -2.01
N LEU A 150 -9.08 9.36 -3.16
CA LEU A 150 -10.15 10.40 -3.14
C LEU A 150 -11.37 9.90 -2.37
N PHE A 151 -11.75 8.63 -2.59
CA PHE A 151 -12.89 8.07 -1.88
C PHE A 151 -12.60 7.96 -0.37
N LEU A 152 -11.40 7.46 -0.01
CA LEU A 152 -11.06 7.34 1.42
C LEU A 152 -11.05 8.67 2.14
N ALA A 153 -10.80 9.75 1.38
CA ALA A 153 -10.79 11.12 1.94
C ALA A 153 -12.18 11.72 2.09
N THR A 154 -13.20 11.05 1.59
CA THR A 154 -14.57 11.64 1.76
C THR A 154 -14.86 11.73 3.25
N PRO A 155 -15.52 12.80 3.72
CA PRO A 155 -15.57 13.03 5.17
C PRO A 155 -16.16 11.92 5.99
N GLU A 156 -17.22 11.26 5.51
CA GLU A 156 -17.84 10.16 6.26
CA GLU A 156 -17.82 10.22 6.32
C GLU A 156 -16.90 8.99 6.47
N LEU A 157 -15.90 8.84 5.59
CA LEU A 157 -14.89 7.82 5.72
C LEU A 157 -13.65 8.35 6.49
N SER A 158 -12.94 9.31 5.89
CA SER A 158 -11.69 9.86 6.45
C SER A 158 -10.75 8.75 6.87
N ILE A 159 -10.63 7.74 6.02
CA ILE A 159 -9.82 6.55 6.33
C ILE A 159 -8.40 6.71 5.86
N ILE A 160 -7.46 6.46 6.77
CA ILE A 160 -6.05 6.37 6.45
C ILE A 160 -5.70 4.89 6.38
N HIS A 161 -5.30 4.38 5.21
CA HIS A 161 -4.99 2.96 5.09
C HIS A 161 -3.84 2.55 6.00
N CYS A 162 -2.79 3.36 5.99
CA CYS A 162 -1.60 3.19 6.88
C CYS A 162 -0.68 2.05 6.54
N ASP A 163 -0.92 1.30 5.49
CA ASP A 163 0.03 0.23 5.10
C ASP A 163 -0.01 -0.01 3.61
N LEU A 164 -0.02 1.05 2.83
CA LEU A 164 0.02 0.89 1.36
C LEU A 164 1.45 0.47 0.97
N LYS A 165 1.48 -0.55 0.12
CA LYS A 165 2.71 -1.14 -0.41
C LYS A 165 2.25 -2.01 -1.60
N PRO A 166 3.19 -2.41 -2.48
CA PRO A 166 2.77 -3.22 -3.64
C PRO A 166 2.00 -4.49 -3.22
N GLU A 167 2.36 -5.04 -2.08
CA GLU A 167 1.77 -6.32 -1.65
C GLU A 167 0.28 -6.16 -1.24
N ASN A 168 -0.14 -4.93 -0.97
CA ASN A 168 -1.54 -4.70 -0.56
C ASN A 168 -2.41 -4.15 -1.65
N ILE A 169 -1.94 -4.24 -2.90
CA ILE A 169 -2.72 -3.85 -4.07
C ILE A 169 -2.81 -5.11 -4.98
N LEU A 170 -4.02 -5.60 -5.19
CA LEU A 170 -4.21 -6.81 -5.97
C LEU A 170 -4.77 -6.56 -7.35
N LEU A 171 -4.32 -7.36 -8.30
CA LEU A 171 -4.98 -7.40 -9.61
C LEU A 171 -6.30 -8.13 -9.50
N CYS A 172 -7.32 -7.64 -10.17
CA CYS A 172 -8.56 -8.40 -10.32
C CYS A 172 -8.38 -9.63 -11.20
N ASN A 173 -7.56 -9.49 -12.23
CA ASN A 173 -7.34 -10.51 -13.29
CA ASN A 173 -7.31 -10.55 -13.19
C ASN A 173 -5.88 -10.38 -13.71
N PRO A 174 -5.11 -11.48 -13.82
CA PRO A 174 -3.70 -11.32 -14.05
C PRO A 174 -3.33 -10.75 -15.42
N LYS A 175 -4.26 -10.73 -16.36
CA LYS A 175 -3.97 -10.23 -17.70
CA LYS A 175 -3.96 -10.21 -17.70
C LYS A 175 -4.51 -8.81 -17.92
N ARG A 176 -5.07 -8.18 -16.87
CA ARG A 176 -5.72 -6.86 -17.00
C ARG A 176 -5.16 -5.90 -15.96
N SER A 177 -5.42 -4.58 -16.15
CA SER A 177 -4.88 -3.55 -15.27
C SER A 177 -5.73 -3.19 -14.06
N ALA A 178 -6.94 -3.70 -13.96
CA ALA A 178 -7.84 -3.33 -12.86
C ALA A 178 -7.27 -3.82 -11.52
N ILE A 179 -7.34 -2.98 -10.50
CA ILE A 179 -6.84 -3.31 -9.17
C ILE A 179 -7.89 -3.11 -8.06
N LYS A 180 -7.62 -3.73 -6.90
CA LYS A 180 -8.30 -3.42 -5.63
C LYS A 180 -7.28 -3.28 -4.52
N ILE A 181 -7.49 -2.36 -3.61
CA ILE A 181 -6.72 -2.26 -2.40
C ILE A 181 -7.28 -3.24 -1.36
N VAL A 182 -6.36 -3.97 -0.67
CA VAL A 182 -6.74 -4.86 0.43
C VAL A 182 -6.04 -4.47 1.73
N ASP A 183 -6.44 -5.15 2.80
CA ASP A 183 -5.80 -5.11 4.13
C ASP A 183 -5.95 -3.78 4.83
N PHE A 184 -7.11 -3.61 5.47
CA PHE A 184 -7.42 -2.45 6.27
C PHE A 184 -7.26 -2.74 7.75
N GLY A 185 -6.53 -3.82 8.09
CA GLY A 185 -6.37 -4.21 9.51
C GLY A 185 -5.59 -3.24 10.36
N SER A 186 -4.69 -2.43 9.72
CA SER A 186 -3.89 -1.45 10.44
CA SER A 186 -3.88 -1.44 10.44
C SER A 186 -4.37 -0.02 10.18
N SER A 187 -5.57 0.11 9.59
CA SER A 187 -6.10 1.42 9.21
C SER A 187 -6.75 2.15 10.36
N CYS A 188 -7.02 3.43 10.17
CA CYS A 188 -7.75 4.22 11.14
C CYS A 188 -8.51 5.32 10.45
N GLN A 189 -9.31 6.05 11.23
CA GLN A 189 -9.97 7.27 10.75
C GLN A 189 -9.40 8.49 11.36
N LEU A 190 -9.46 9.60 10.59
CA LEU A 190 -8.91 10.86 10.99
C LEU A 190 -9.41 11.27 12.36
N GLY A 191 -10.64 11.00 12.70
CA GLY A 191 -11.13 11.48 14.03
C GLY A 191 -10.58 10.66 15.21
N GLN A 192 -9.91 9.56 14.88
CA GLN A 192 -9.69 8.44 15.80
C GLN A 192 -8.29 7.82 15.60
N ARG A 193 -7.29 8.69 15.42
CA ARG A 193 -5.94 8.24 15.22
CA ARG A 193 -5.93 8.24 15.23
C ARG A 193 -5.48 7.73 16.59
N ILE A 194 -4.85 6.57 16.61
CA ILE A 194 -4.35 5.99 17.89
C ILE A 194 -2.85 5.59 17.78
N TYR A 195 -2.46 5.07 16.66
CA TYR A 195 -1.12 4.49 16.47
C TYR A 195 -0.05 5.56 16.28
N GLN A 196 1.10 5.36 16.90
CA GLN A 196 2.31 6.19 16.66
C GLN A 196 3.22 5.51 15.68
N PTR A 197 3.25 4.17 15.73
CA PTR A 197 4.14 3.35 14.91
C PTR A 197 3.29 2.73 13.80
O PTR A 197 2.43 1.88 14.07
CB PTR A 197 4.84 2.25 15.73
CG PTR A 197 5.66 2.82 16.90
CD1 PTR A 197 5.14 2.78 18.17
CD2 PTR A 197 6.94 3.33 16.67
CE1 PTR A 197 5.83 3.29 19.27
CE2 PTR A 197 7.63 3.82 17.82
CZ PTR A 197 7.06 3.83 19.06
OH PTR A 197 7.75 4.26 20.20
P PTR A 197 7.88 5.84 20.62
O1P PTR A 197 8.66 5.90 21.91
O2P PTR A 197 6.43 6.31 20.85
O3P PTR A 197 8.50 6.38 19.32
N ILE A 198 3.51 3.17 12.56
CA ILE A 198 2.71 2.76 11.42
C ILE A 198 3.54 2.82 10.17
N GLN A 199 2.99 2.17 9.13
CA GLN A 199 3.49 2.10 7.74
C GLN A 199 4.66 1.17 7.62
N SER A 200 4.69 0.36 6.55
CA SER A 200 5.85 -0.48 6.34
CA SER A 200 5.81 -0.48 6.22
C SER A 200 7.02 0.41 5.91
N ARG A 201 8.20 0.04 6.38
CA ARG A 201 9.33 0.96 6.42
C ARG A 201 9.66 1.64 5.09
N PHE A 202 9.70 0.89 4.00
CA PHE A 202 10.11 1.49 2.72
C PHE A 202 9.16 2.59 2.28
N TYR A 203 7.92 2.52 2.76
CA TYR A 203 6.80 3.33 2.31
C TYR A 203 6.35 4.30 3.40
N ARG A 204 7.18 4.47 4.42
CA ARG A 204 6.84 5.25 5.62
C ARG A 204 7.14 6.74 5.43
N SER A 205 6.15 7.57 5.70
CA SER A 205 6.27 9.01 5.49
C SER A 205 7.24 9.69 6.44
N PRO A 206 7.75 10.86 6.02
CA PRO A 206 8.64 11.56 6.92
C PRO A 206 7.99 12.01 8.23
N GLU A 207 6.72 12.42 8.17
CA GLU A 207 6.05 12.82 9.40
C GLU A 207 5.95 11.68 10.42
N VAL A 208 5.77 10.44 9.95
CA VAL A 208 5.76 9.32 10.88
C VAL A 208 7.16 9.01 11.40
N LEU A 209 8.16 9.01 10.49
CA LEU A 209 9.57 8.84 10.95
C LEU A 209 9.96 9.88 12.01
N LEU A 210 9.44 11.11 11.85
CA LEU A 210 9.78 12.21 12.73
C LEU A 210 8.93 12.30 14.01
N GLY A 211 7.97 11.40 14.17
CA GLY A 211 7.12 11.40 15.37
C GLY A 211 6.14 12.56 15.41
N MET A 212 5.73 13.03 14.24
CA MET A 212 4.87 14.23 14.13
C MET A 212 3.43 13.80 13.88
N PRO A 213 2.47 14.74 14.02
CA PRO A 213 1.09 14.44 13.69
C PRO A 213 0.96 14.00 12.26
N TYR A 214 -0.02 13.16 11.96
CA TYR A 214 -0.21 12.65 10.62
C TYR A 214 -1.66 12.62 10.23
N ASP A 215 -1.89 12.56 8.93
CA ASP A 215 -3.25 12.55 8.39
C ASP A 215 -3.29 11.75 7.10
N LEU A 216 -4.30 11.93 6.25
CA LEU A 216 -4.42 11.07 5.06
C LEU A 216 -3.27 11.24 4.11
N ALA A 217 -2.51 12.35 4.21
CA ALA A 217 -1.38 12.56 3.31
C ALA A 217 -0.29 11.46 3.41
N ILE A 218 -0.26 10.70 4.51
CA ILE A 218 0.75 9.63 4.61
C ILE A 218 0.59 8.60 3.53
N ASP A 219 -0.66 8.38 3.10
CA ASP A 219 -0.95 7.39 2.08
C ASP A 219 -0.50 7.87 0.70
N MET A 220 -0.55 9.20 0.46
CA MET A 220 -0.02 9.76 -0.77
C MET A 220 1.47 9.60 -0.87
N TRP A 221 2.19 9.83 0.23
CA TRP A 221 3.64 9.54 0.27
C TRP A 221 3.90 8.10 -0.17
N SER A 222 3.22 7.13 0.47
CA SER A 222 3.39 5.72 0.10
C SER A 222 3.14 5.53 -1.37
N LEU A 223 2.08 6.13 -1.90
CA LEU A 223 1.75 5.96 -3.33
C LEU A 223 2.88 6.45 -4.21
N GLY A 224 3.50 7.59 -3.88
CA GLY A 224 4.62 8.08 -4.69
C GLY A 224 5.73 7.03 -4.76
N CYS A 225 6.04 6.47 -3.59
CA CYS A 225 7.08 5.44 -3.50
C CYS A 225 6.71 4.21 -4.35
N ILE A 226 5.45 3.78 -4.24
CA ILE A 226 4.97 2.57 -4.95
C ILE A 226 5.08 2.78 -6.46
N LEU A 227 4.70 3.96 -6.93
CA LEU A 227 4.60 4.15 -8.40
C LEU A 227 6.00 4.17 -9.03
N VAL A 228 6.99 4.74 -8.33
CA VAL A 228 8.35 4.69 -8.85
C VAL A 228 8.82 3.24 -8.94
N GLU A 229 8.64 2.50 -7.86
CA GLU A 229 8.98 1.07 -7.82
C GLU A 229 8.28 0.25 -8.90
N MET A 230 7.02 0.55 -9.16
CA MET A 230 6.32 -0.18 -10.24
C MET A 230 7.00 0.02 -11.57
N HIS A 231 7.54 1.21 -11.86
CA HIS A 231 8.22 1.42 -13.11
C HIS A 231 9.69 1.00 -13.16
N THR A 232 10.40 1.12 -12.04
CA THR A 232 11.83 0.74 -12.05
C THR A 232 12.08 -0.72 -11.70
N GLY A 233 11.11 -1.34 -11.03
CA GLY A 233 11.26 -2.69 -10.48
C GLY A 233 11.83 -2.82 -9.08
N GLU A 234 12.28 -1.71 -8.48
CA GLU A 234 13.05 -1.72 -7.23
CA GLU A 234 12.96 -1.78 -7.18
C GLU A 234 12.47 -0.68 -6.27
N PRO A 235 12.52 -0.93 -4.94
CA PRO A 235 12.03 0.09 -4.04
C PRO A 235 12.83 1.39 -4.15
N LEU A 236 12.13 2.50 -4.07
CA LEU A 236 12.76 3.82 -4.14
C LEU A 236 13.68 4.07 -2.93
N PHE A 237 13.16 3.76 -1.72
CA PHE A 237 13.86 4.06 -0.47
C PHE A 237 13.87 2.74 0.33
N SER A 238 14.93 1.97 0.18
CA SER A 238 15.00 0.62 0.79
C SER A 238 15.80 0.61 2.10
N GLY A 239 15.31 1.34 3.12
CA GLY A 239 16.01 1.40 4.39
C GLY A 239 16.05 0.09 5.16
N ALA A 240 17.15 -0.16 5.84
CA ALA A 240 17.28 -1.35 6.69
C ALA A 240 16.76 -1.09 8.10
N ASN A 241 16.56 0.18 8.43
CA ASN A 241 16.14 0.59 9.78
C ASN A 241 15.73 2.06 9.61
N GLU A 242 15.14 2.66 10.63
CA GLU A 242 14.64 4.03 10.48
C GLU A 242 15.71 5.05 10.10
N VAL A 243 16.87 4.98 10.71
CA VAL A 243 17.95 5.92 10.38
C VAL A 243 18.36 5.78 8.92
N ASP A 244 18.56 4.55 8.47
CA ASP A 244 18.88 4.29 7.07
C ASP A 244 17.75 4.74 6.15
N GLN A 245 16.49 4.52 6.53
CA GLN A 245 15.34 4.97 5.73
C GLN A 245 15.36 6.49 5.55
N MET A 246 15.50 7.23 6.63
CA MET A 246 15.56 8.70 6.53
C MET A 246 16.74 9.10 5.64
N ASN A 247 17.90 8.47 5.81
CA ASN A 247 19.05 8.85 5.02
C ASN A 247 18.82 8.59 3.54
N LYS A 248 18.15 7.51 3.21
CA LYS A 248 17.86 7.22 1.82
CA LYS A 248 17.86 7.22 1.82
C LYS A 248 16.88 8.23 1.24
N ILE A 249 15.90 8.65 2.03
CA ILE A 249 15.00 9.71 1.58
C ILE A 249 15.79 11.02 1.30
N VAL A 250 16.67 11.37 2.22
CA VAL A 250 17.45 12.59 2.12
C VAL A 250 18.37 12.57 0.90
N GLU A 251 18.92 11.42 0.54
CA GLU A 251 19.80 11.35 -0.67
C GLU A 251 19.06 11.88 -1.90
N VAL A 252 17.75 11.60 -1.98
CA VAL A 252 16.93 12.00 -3.17
C VAL A 252 16.36 13.38 -3.01
N LEU A 253 15.88 13.69 -1.81
CA LEU A 253 15.00 14.84 -1.61
C LEU A 253 15.62 16.00 -0.80
N GLY A 254 16.83 15.81 -0.27
CA GLY A 254 17.51 16.83 0.50
C GLY A 254 17.09 16.87 1.95
N ILE A 255 17.69 17.79 2.70
CA ILE A 255 17.33 17.95 4.10
C ILE A 255 15.89 18.47 4.17
N PRO A 256 15.04 17.91 5.07
CA PRO A 256 13.70 18.48 5.21
C PRO A 256 13.71 19.94 5.64
N PRO A 257 12.63 20.69 5.32
CA PRO A 257 12.48 22.08 5.72
C PRO A 257 12.69 22.30 7.23
N ALA A 258 13.36 23.38 7.59
CA ALA A 258 13.63 23.69 8.99
C ALA A 258 12.33 23.84 9.79
N HIS A 259 11.30 24.39 9.17
CA HIS A 259 10.07 24.69 9.89
C HIS A 259 9.42 23.39 10.37
N ILE A 260 9.69 22.31 9.63
CA ILE A 260 9.24 20.93 9.99
C ILE A 260 10.14 20.34 11.08
N LEU A 261 11.45 20.35 10.86
CA LEU A 261 12.39 19.78 11.85
C LEU A 261 12.33 20.48 13.20
N ASP A 262 12.13 21.79 13.16
CA ASP A 262 11.97 22.57 14.39
C ASP A 262 10.78 22.10 15.26
N GLN A 263 9.77 21.46 14.64
CA GLN A 263 8.58 20.95 15.36
CA GLN A 263 8.60 20.95 15.37
C GLN A 263 8.56 19.42 15.45
N ALA A 264 9.66 18.77 15.11
CA ALA A 264 9.67 17.29 15.05
C ALA A 264 10.24 16.66 16.33
N PRO A 265 9.42 15.89 17.10
CA PRO A 265 9.94 15.24 18.31
C PRO A 265 11.19 14.35 18.08
N LYS A 266 11.29 13.72 16.93
CA LYS A 266 12.39 12.80 16.64
C LYS A 266 13.43 13.40 15.67
N ALA A 267 13.43 14.72 15.50
CA ALA A 267 14.43 15.35 14.62
C ALA A 267 15.87 14.90 14.90
N ARG A 268 16.21 14.83 16.19
CA ARG A 268 17.57 14.53 16.56
C ARG A 268 17.94 13.06 16.51
N LYS A 269 16.99 12.20 16.11
CA LYS A 269 17.34 10.82 15.79
C LYS A 269 18.18 10.79 14.50
N PHE A 270 17.96 11.77 13.61
CA PHE A 270 18.55 11.78 12.28
C PHE A 270 19.40 13.02 11.97
N PHE A 271 19.12 14.14 12.61
CA PHE A 271 19.67 15.44 12.21
C PHE A 271 20.25 16.17 13.39
N GLU A 272 21.05 17.18 13.11
CA GLU A 272 21.53 18.08 14.15
C GLU A 272 21.40 19.51 13.67
N LYS A 273 21.11 20.38 14.62
CA LYS A 273 20.80 21.77 14.33
C LYS A 273 22.08 22.56 14.53
N LEU A 274 22.47 23.31 13.51
CA LEU A 274 23.77 24.01 13.48
C LEU A 274 23.67 25.36 14.17
N PRO A 275 24.82 25.99 14.46
CA PRO A 275 24.81 27.32 15.10
C PRO A 275 24.00 28.37 14.33
N ASP A 276 23.95 28.28 13.00
CA ASP A 276 23.21 29.26 12.20
C ASP A 276 21.72 28.99 12.11
N GLY A 277 21.27 27.91 12.75
CA GLY A 277 19.86 27.58 12.82
C GLY A 277 19.45 26.59 11.75
N THR A 278 20.38 26.29 10.83
CA THR A 278 20.10 25.31 9.80
C THR A 278 20.31 23.89 10.35
N TRP A 279 19.74 22.92 9.65
CA TRP A 279 19.83 21.53 10.04
C TRP A 279 20.68 20.74 9.05
N ASN A 280 21.45 19.79 9.58
CA ASN A 280 22.25 18.86 8.76
C ASN A 280 22.04 17.43 9.27
N LEU A 281 22.42 16.44 8.47
CA LEU A 281 22.42 15.05 8.94
C LEU A 281 23.45 14.80 10.05
N LYS A 282 23.10 13.98 11.02
CA LYS A 282 24.09 13.35 11.89
C LYS A 282 24.96 12.38 11.10
N LYS A 283 26.20 12.24 11.54
CA LYS A 283 27.15 11.30 10.95
C LYS A 283 26.78 9.87 11.30
N GLU A 290 29.19 7.27 3.84
CA GLU A 290 28.31 6.15 3.46
C GLU A 290 27.05 6.52 2.63
N TYR A 291 26.70 7.81 2.56
CA TYR A 291 25.55 8.22 1.73
C TYR A 291 25.95 9.30 0.75
N LYS A 292 25.25 9.33 -0.38
CA LYS A 292 25.36 10.41 -1.36
C LYS A 292 24.92 11.71 -0.69
N PRO A 293 25.56 12.85 -1.01
CA PRO A 293 25.18 14.09 -0.35
C PRO A 293 23.73 14.44 -0.58
N PRO A 294 23.12 15.18 0.36
CA PRO A 294 21.69 15.43 0.31
C PRO A 294 21.21 15.97 -1.01
N GLY A 295 20.21 15.32 -1.58
CA GLY A 295 19.55 15.74 -2.79
C GLY A 295 20.32 15.43 -4.07
N THR A 296 21.46 14.72 -3.99
CA THR A 296 22.27 14.43 -5.18
C THR A 296 21.92 13.13 -5.91
N ARG A 297 21.11 12.27 -5.28
CA ARG A 297 20.58 11.09 -5.97
C ARG A 297 19.26 11.49 -6.64
N LYS A 298 19.36 11.95 -7.88
CA LYS A 298 18.27 12.63 -8.51
C LYS A 298 17.19 11.66 -8.97
N LEU A 299 15.93 11.96 -8.66
CA LEU A 299 14.83 11.21 -9.23
C LEU A 299 14.87 11.22 -10.74
N HIS A 300 15.32 12.31 -11.32
CA HIS A 300 15.52 12.45 -12.76
CA HIS A 300 15.41 12.35 -12.77
C HIS A 300 16.33 11.29 -13.33
N ASN A 301 17.39 10.89 -12.60
CA ASN A 301 18.26 9.80 -13.02
C ASN A 301 17.74 8.40 -12.63
N ILE A 302 17.10 8.29 -11.47
CA ILE A 302 16.46 7.03 -11.08
C ILE A 302 15.43 6.60 -12.16
N LEU A 303 14.65 7.56 -12.66
CA LEU A 303 13.68 7.28 -13.71
C LEU A 303 14.26 7.20 -15.10
N GLY A 304 15.46 7.74 -15.30
CA GLY A 304 16.08 7.81 -16.63
C GLY A 304 15.35 8.73 -17.61
N VAL A 305 14.92 9.89 -17.11
CA VAL A 305 14.07 10.79 -17.89
C VAL A 305 14.65 11.06 -19.27
N GLU A 306 15.94 11.37 -19.33
CA GLU A 306 16.59 11.73 -20.60
C GLU A 306 17.48 10.61 -21.18
N THR A 307 17.54 9.49 -20.48
CA THR A 307 18.48 8.42 -20.84
C THR A 307 17.82 7.04 -21.09
N GLY A 308 16.55 7.05 -21.54
CA GLY A 308 15.89 5.81 -21.98
C GLY A 308 15.19 5.06 -20.85
N GLY A 309 14.81 5.77 -19.79
CA GLY A 309 14.07 5.15 -18.71
C GLY A 309 14.97 4.28 -17.83
N PRO A 310 14.36 3.48 -16.95
CA PRO A 310 15.20 2.69 -16.00
C PRO A 310 16.09 1.65 -16.69
N GLY A 311 17.39 1.70 -16.38
CA GLY A 311 18.38 0.83 -17.00
C GLY A 311 18.62 1.13 -18.48
N GLY A 312 18.08 2.26 -18.97
CA GLY A 312 18.09 2.55 -20.38
C GLY A 312 17.22 1.64 -21.24
N ARG A 313 16.37 0.83 -20.57
CA ARG A 313 15.68 -0.27 -21.26
C ARG A 313 14.50 0.17 -22.09
N ARG A 314 14.04 1.39 -21.88
CA ARG A 314 12.86 1.91 -22.58
C ARG A 314 13.23 2.77 -23.79
N ALA A 315 14.53 2.91 -24.06
CA ALA A 315 14.99 3.53 -25.30
C ALA A 315 14.49 2.72 -26.48
N GLY A 316 13.88 3.39 -27.43
CA GLY A 316 13.45 2.73 -28.67
C GLY A 316 12.07 2.10 -28.51
N GLU A 317 11.47 2.27 -27.34
CA GLU A 317 10.08 1.91 -27.12
C GLU A 317 9.18 3.10 -27.20
N SER A 318 8.00 2.93 -27.80
CA SER A 318 6.92 3.90 -27.64
C SER A 318 6.39 3.99 -26.20
N GLY A 319 5.64 5.06 -25.93
CA GLY A 319 5.01 5.28 -24.66
C GLY A 319 5.98 5.67 -23.55
N HIS A 320 7.18 6.15 -23.92
CA HIS A 320 8.25 6.51 -22.94
C HIS A 320 9.10 7.70 -23.41
N THR A 321 8.45 8.78 -23.83
CA THR A 321 9.19 9.96 -24.30
C THR A 321 9.73 10.80 -23.12
N VAL A 322 10.71 11.68 -23.41
CA VAL A 322 11.20 12.61 -22.39
C VAL A 322 10.02 13.39 -21.78
N ALA A 323 9.13 13.86 -22.66
CA ALA A 323 7.95 14.63 -22.21
C ALA A 323 7.06 13.85 -21.26
N ASP A 324 6.79 12.59 -21.59
CA ASP A 324 6.03 11.70 -20.70
C ASP A 324 6.73 11.54 -19.33
N TYR A 325 8.03 11.29 -19.36
CA TYR A 325 8.82 11.13 -18.12
C TYR A 325 8.84 12.40 -17.28
N LEU A 326 8.91 13.59 -17.92
CA LEU A 326 8.90 14.82 -17.13
C LEU A 326 7.54 15.01 -16.39
N LYS A 327 6.43 14.63 -17.02
CA LYS A 327 5.09 14.67 -16.38
CA LYS A 327 5.14 14.73 -16.34
C LYS A 327 5.05 13.75 -15.16
N PHE A 328 5.52 12.50 -15.38
CA PHE A 328 5.54 11.51 -14.30
C PHE A 328 6.43 12.02 -13.15
N LYS A 329 7.65 12.50 -13.47
CA LYS A 329 8.55 12.99 -12.43
C LYS A 329 7.89 14.10 -11.62
N ASP A 330 7.24 15.04 -12.31
CA ASP A 330 6.60 16.16 -11.62
C ASP A 330 5.52 15.68 -10.66
N LEU A 331 4.67 14.77 -11.12
CA LEU A 331 3.64 14.23 -10.20
C LEU A 331 4.26 13.52 -8.99
N ILE A 332 5.25 12.66 -9.24
CA ILE A 332 5.89 11.98 -8.12
C ILE A 332 6.51 12.96 -7.10
N LEU A 333 7.19 14.00 -7.56
CA LEU A 333 7.78 14.93 -6.64
C LEU A 333 6.71 15.66 -5.78
N ARG A 334 5.53 15.87 -6.34
CA ARG A 334 4.44 16.43 -5.56
C ARG A 334 3.90 15.46 -4.52
N MET A 335 3.89 14.16 -4.85
CA MET A 335 3.53 13.11 -3.85
C MET A 335 4.56 12.98 -2.76
N LEU A 336 5.78 13.32 -3.08
CA LEU A 336 6.91 13.24 -2.14
C LEU A 336 7.33 14.57 -1.51
N ASP A 337 6.41 15.53 -1.48
CA ASP A 337 6.58 16.76 -0.75
C ASP A 337 6.77 16.45 0.72
N TYR A 338 7.83 16.97 1.36
CA TYR A 338 8.06 16.76 2.77
C TYR A 338 6.94 17.34 3.61
N ASP A 339 6.27 18.40 3.14
CA ASP A 339 5.24 19.10 3.93
C ASP A 339 3.88 18.44 3.67
N PRO A 340 3.29 17.79 4.71
CA PRO A 340 1.99 17.13 4.47
C PRO A 340 0.85 18.12 4.18
N LYS A 341 1.03 19.40 4.45
CA LYS A 341 0.01 20.38 4.15
C LYS A 341 -0.01 20.74 2.66
N THR A 342 1.14 20.65 1.99
CA THR A 342 1.24 21.06 0.59
C THR A 342 1.38 19.87 -0.34
N ARG A 343 1.65 18.68 0.19
CA ARG A 343 1.73 17.45 -0.61
C ARG A 343 0.46 17.32 -1.44
N ILE A 344 0.58 16.87 -2.69
CA ILE A 344 -0.60 16.86 -3.56
C ILE A 344 -1.71 15.97 -3.00
N GLN A 345 -2.97 16.42 -3.17
CA GLN A 345 -4.12 15.67 -2.67
C GLN A 345 -4.77 14.94 -3.84
N PRO A 346 -5.60 13.94 -3.54
CA PRO A 346 -6.12 13.10 -4.61
C PRO A 346 -6.84 13.84 -5.76
N TYR A 347 -7.71 14.81 -5.44
CA TYR A 347 -8.43 15.51 -6.49
C TYR A 347 -7.45 16.14 -7.50
N TYR A 348 -6.40 16.81 -6.99
CA TYR A 348 -5.43 17.48 -7.85
C TYR A 348 -4.48 16.50 -8.52
N ALA A 349 -4.17 15.40 -7.86
CA ALA A 349 -3.39 14.36 -8.54
C ALA A 349 -4.10 13.88 -9.81
N LEU A 350 -5.41 13.69 -9.70
CA LEU A 350 -6.20 13.22 -10.84
C LEU A 350 -6.29 14.23 -11.99
N GLN A 351 -6.18 15.52 -11.68
CA GLN A 351 -6.17 16.58 -12.69
C GLN A 351 -4.81 16.81 -13.34
N HIS A 352 -3.77 16.23 -12.79
CA HIS A 352 -2.39 16.45 -13.26
C HIS A 352 -2.20 16.05 -14.74
N SER A 353 -1.28 16.72 -15.40
CA SER A 353 -1.02 16.47 -16.84
C SER A 353 -0.56 15.03 -17.14
N PHE A 354 -0.05 14.34 -16.15
CA PHE A 354 0.33 12.92 -16.34
C PHE A 354 -0.86 12.10 -16.82
N PHE A 355 -2.07 12.47 -16.37
CA PHE A 355 -3.31 11.77 -16.78
C PHE A 355 -4.06 12.38 -17.97
N LYS A 356 -3.52 13.46 -18.52
CA LYS A 356 -4.03 14.14 -19.74
C LYS A 356 -3.52 13.28 -20.88
N LYS A 357 -4.39 12.42 -21.38
CA LYS A 357 -4.06 11.45 -22.44
C LYS A 357 -3.84 12.10 -23.80
S SO4 B . 11.06 -0.35 11.58
O1 SO4 B . 11.44 0.23 12.88
O2 SO4 B . 11.64 0.58 10.59
O3 SO4 B . 11.69 -1.68 11.48
O4 SO4 B . 9.61 -0.52 11.49
S SO4 C . -5.81 -15.61 23.22
O1 SO4 C . -4.97 -16.78 23.46
O2 SO4 C . -5.09 -14.31 23.24
O3 SO4 C . -6.79 -15.49 24.30
O4 SO4 C . -6.54 -15.83 21.90
S SO4 D . -6.42 -3.13 -19.66
O1 SO4 D . -5.85 -1.82 -19.21
O2 SO4 D . -5.41 -3.73 -20.57
O3 SO4 D . -6.65 -4.10 -18.61
O4 SO4 D . -7.65 -2.88 -20.40
S SO4 E . 1.16 -17.60 23.19
O1 SO4 E . 0.78 -18.18 24.50
O2 SO4 E . 2.44 -16.78 23.45
O3 SO4 E . 1.37 -18.66 22.16
O4 SO4 E . 0.05 -16.76 22.67
S SO4 F . 15.88 2.08 14.16
O1 SO4 F . 16.66 0.92 14.71
O2 SO4 F . 16.85 3.07 13.49
O3 SO4 F . 15.15 2.75 15.24
O4 SO4 F . 14.90 1.47 13.17
S SO4 G . -18.71 8.88 -10.13
O1 SO4 G . -17.95 9.07 -8.86
O2 SO4 G . -19.05 10.19 -10.68
O3 SO4 G . -19.93 8.09 -9.84
O4 SO4 G . -17.80 8.15 -11.04
C1 EDO H . -15.63 10.45 10.95
O1 EDO H . -16.26 10.74 9.70
C2 EDO H . -14.26 9.83 10.72
O2 EDO H . -13.18 10.65 11.27
C1 EDO I . -25.96 -11.63 1.90
O1 EDO I . -24.82 -11.75 2.69
C2 EDO I . -25.58 -10.72 0.80
O2 EDO I . -24.74 -11.41 -0.13
C1 EDO J . -22.39 -11.00 -2.68
O1 EDO J . -23.13 -11.98 -3.49
C2 EDO J . -22.32 -9.55 -3.22
O2 EDO J . -22.38 -8.59 -2.14
C1 EDO K . -7.58 -19.15 -8.93
O1 EDO K . -8.98 -19.14 -9.30
C2 EDO K . -7.16 -20.52 -8.43
O2 EDO K . -7.35 -21.52 -9.45
C1 EDO L . -8.35 -14.17 -11.70
O1 EDO L . -7.25 -15.10 -11.79
C2 EDO L . -8.91 -14.14 -10.29
O2 EDO L . -8.43 -15.28 -9.58
C1 EDO M . 1.35 -1.01 -23.28
C1 EDO M . 1.04 -0.86 -23.09
O1 EDO M . 1.21 0.37 -23.60
O1 EDO M . 0.72 0.41 -23.63
C2 EDO M . 1.57 -1.13 -21.83
C2 EDO M . 2.35 -0.79 -22.37
O2 EDO M . 2.97 -1.38 -21.69
O2 EDO M . 2.18 -1.52 -21.15
C1 EDO N . -5.59 -3.65 16.70
O1 EDO N . -4.92 -4.63 15.86
C2 EDO N . -6.76 -4.27 17.46
O2 EDO N . -6.30 -4.90 18.67
C1 EDO O . -1.56 16.42 10.30
C1 EDO O . -1.17 16.48 10.28
O1 EDO O . -1.96 17.52 11.11
O1 EDO O . -0.92 17.60 11.13
C2 EDO O . -0.54 16.89 9.25
C2 EDO O . -0.35 16.60 9.01
O2 EDO O . 0.41 15.86 8.94
O2 EDO O . -0.93 17.61 8.15
C1 EDO P . -2.34 20.59 -2.06
C1 EDO P . -2.03 20.16 -2.11
O1 EDO P . -1.18 21.01 -2.80
O1 EDO P . -2.19 20.10 -0.68
C2 EDO P . -3.51 20.36 -3.01
C2 EDO P . -3.36 19.95 -2.84
O2 EDO P . -3.23 19.25 -3.89
O2 EDO P . -3.16 19.23 -4.05
C1 EDO Q . 13.42 25.49 4.69
O1 EDO Q . 14.65 25.25 5.40
C2 EDO Q . 12.58 26.62 5.30
O2 EDO Q . 11.82 26.23 6.49
C1 EDO R . -19.82 -27.29 13.03
O1 EDO R . -20.18 -26.07 12.35
C2 EDO R . -18.65 -26.93 13.90
O2 EDO R . -18.00 -28.08 14.44
C1 EDO S . 8.07 20.20 -7.72
O1 EDO S . 7.62 19.62 -6.51
C2 EDO S . 6.94 20.04 -8.72
O2 EDO S . 6.82 18.62 -8.93
OAA 4E2 T . -5.70 -8.62 3.20
OAA 4E2 T . -5.72 -8.66 3.24
CAM 4E2 T . -6.46 -9.26 2.37
CAM 4E2 T . -6.47 -9.33 2.43
OAB 4E2 T . -7.69 -9.51 2.27
OAB 4E2 T . -7.70 -9.56 2.30
CAP 4E2 T . -5.78 -10.12 1.60
CAP 4E2 T . -5.78 -10.13 1.62
NAK 4E2 T . -4.46 -10.19 2.10
NAK 4E2 T . -4.43 -10.15 2.06
CAQ 4E2 T . -3.63 -11.11 1.53
CAQ 4E2 T . -3.57 -11.01 1.45
CAI 4E2 T . -2.34 -11.31 2.02
CAI 4E2 T . -2.26 -11.17 1.88
CAG 4E2 T . -1.51 -12.24 1.42
CAG 4E2 T . -1.40 -12.03 1.24
CAN 4E2 T . -1.98 -12.94 0.33
CAN 4E2 T . -1.87 -12.73 0.12
IAD 4E2 T . -0.71 -14.29 -0.60
CAJ 4E2 T . -3.27 -12.75 -0.15
CAJ 4E2 T . -3.19 -12.55 -0.32
CAR 4E2 T . -4.09 -11.81 0.44
CAR 4E2 T . -4.04 -11.70 0.35
CAU 4E2 T . -5.38 -11.62 -0.06
CAU 4E2 T . -5.37 -11.55 -0.11
CAV 4E2 T . -6.32 -10.80 0.46
CAV 4E2 T . -6.32 -10.80 0.46
CAS 4E2 T . -7.49 -10.92 -0.36
CAS 4E2 T . -7.51 -10.96 -0.34
CAH 4E2 T . -8.80 -10.36 -0.39
CAH 4E2 T . -8.85 -10.48 -0.31
CAE 4E2 T . -9.68 -10.77 -1.43
CAE 4E2 T . -9.73 -10.88 -1.34
CAF 4E2 T . -9.31 -11.68 -2.40
CAF 4E2 T . -9.34 -11.76 -2.35
CAO 4E2 T . -8.04 -12.22 -2.38
CAO 4E2 T . -8.04 -12.23 -2.38
CLA 4E2 T . -7.49 -13.38 -3.62
CLA 4E2 T . -7.48 -13.35 -3.64
CAT 4E2 T . -7.17 -11.83 -1.38
CAT 4E2 T . -7.16 -11.82 -1.39
NAL 4E2 T . -5.88 -12.22 -1.15
NAL 4E2 T . -5.85 -12.15 -1.20
I IOD U . -0.69 -14.32 -0.56
I IOD U . 1.12 -14.84 -0.31
#